data_5TLU
#
_entry.id   5TLU
#
_cell.length_a   55.460
_cell.length_b   82.520
_cell.length_c   58.600
_cell.angle_alpha   90.000
_cell.angle_beta   110.690
_cell.angle_gamma   90.000
#
_symmetry.space_group_name_H-M   'P 1 21 1'
#
loop_
_entity.id
_entity.type
_entity.pdbx_description
1 polymer 'Estrogen receptor'
2 polymer 'NUCLEAR RECEPTOR COACTIVATOR 2'
3 non-polymer (14beta,17alpha)-21-(4-aminophenyl)-19-norpregna-1(10),2,4-trien-20-yne-3,17-diol
4 water water
#
loop_
_entity_poly.entity_id
_entity_poly.type
_entity_poly.pdbx_seq_one_letter_code
_entity_poly.pdbx_strand_id
1 'polypeptide(L)'
;IKRSKKNSLALSLTADQMVSALLDAEPPILYSEYDPTRPFSEASMMGLLTNLADRELVHMINWAKRVPGFVDLTLHDQVH
LLECAWLEILMIGLVWRSMEHPGKLLFAPNLLLDRNQGKCVEGMVEIFDMLLATSSRFRMMNLQGEEFVCLKSIILLNSG
VYTFLSSTLKSLEEKDHIHRVLDKITDTLIHLMAKAGLTLQQQHQRLAQLLLILSHIRHMSNKGMEHLYSMKCKNVVPLS
DLLLEMLDAHRLHAPTS
;
A,B
2 'polypeptide(L)' KHKILHRLLQDSS C,D
#
loop_
_chem_comp.id
_chem_comp.type
_chem_comp.name
_chem_comp.formula
7EE non-polymer (14beta,17alpha)-21-(4-aminophenyl)-19-norpregna-1(10),2,4-trien-20-yne-3,17-diol 'C26 H29 N O2'
#
# COMPACT_ATOMS: atom_id res chain seq x y z
N SER A 8 28.03 5.20 5.33
CA SER A 8 27.03 6.21 5.01
C SER A 8 26.82 7.17 6.17
N LEU A 9 26.80 8.47 5.86
CA LEU A 9 26.72 9.50 6.89
C LEU A 9 25.38 9.49 7.62
N ALA A 10 24.33 9.02 6.95
CA ALA A 10 22.99 9.12 7.52
C ALA A 10 22.82 8.26 8.76
N LEU A 11 23.53 7.13 8.84
CA LEU A 11 23.33 6.21 9.96
C LEU A 11 23.96 6.74 11.24
N SER A 12 24.92 7.65 11.15
CA SER A 12 25.58 8.22 12.31
C SER A 12 24.83 9.42 12.88
N LEU A 13 23.67 9.76 12.34
CA LEU A 13 22.90 10.89 12.83
C LEU A 13 22.11 10.48 14.07
N THR A 14 21.95 11.42 14.99
CA THR A 14 21.05 11.20 16.12
C THR A 14 19.62 11.44 15.69
N ALA A 15 18.68 11.11 16.57
CA ALA A 15 17.27 11.28 16.25
C ALA A 15 16.93 12.75 16.04
N ASP A 16 17.44 13.63 16.90
CA ASP A 16 17.18 15.06 16.74
C ASP A 16 17.85 15.60 15.48
N GLN A 17 19.06 15.12 15.17
CA GLN A 17 19.71 15.51 13.94
C GLN A 17 18.92 15.04 12.71
N MET A 18 18.28 13.88 12.81
CA MET A 18 17.46 13.40 11.71
C MET A 18 16.24 14.27 11.50
N VAL A 19 15.56 14.65 12.59
CA VAL A 19 14.40 15.54 12.48
C VAL A 19 14.80 16.87 11.87
N SER A 20 15.90 17.44 12.35
CA SER A 20 16.35 18.74 11.86
C SER A 20 16.73 18.67 10.39
N ALA A 21 17.38 17.58 9.97
CA ALA A 21 17.77 17.45 8.57
C ALA A 21 16.55 17.35 7.66
N LEU A 22 15.51 16.64 8.11
CA LEU A 22 14.32 16.49 7.27
C LEU A 22 13.48 17.76 7.25
N LEU A 23 13.35 18.42 8.40
CA LEU A 23 12.61 19.69 8.44
C LEU A 23 13.27 20.75 7.56
N ASP A 24 14.61 20.82 7.59
CA ASP A 24 15.33 21.82 6.82
C ASP A 24 15.21 21.59 5.32
N ALA A 25 14.97 20.36 4.89
CA ALA A 25 14.88 20.03 3.48
C ALA A 25 13.46 20.15 2.92
N GLU A 26 12.51 20.60 3.73
CA GLU A 26 11.12 20.68 3.28
C GLU A 26 11.01 21.59 2.06
N PRO A 27 10.40 21.13 0.97
CA PRO A 27 10.23 21.99 -0.20
C PRO A 27 9.22 23.09 0.08
N PRO A 28 9.23 24.16 -0.69
CA PRO A 28 8.28 25.25 -0.45
C PRO A 28 6.88 24.90 -0.94
N ILE A 29 5.92 25.67 -0.46
CA ILE A 29 4.54 25.60 -0.95
C ILE A 29 4.44 26.53 -2.14
N LEU A 30 4.04 25.98 -3.28
CA LEU A 30 3.92 26.74 -4.52
C LEU A 30 2.48 27.16 -4.75
N TYR A 31 2.32 28.18 -5.59
CA TYR A 31 1.00 28.68 -5.97
C TYR A 31 0.63 28.21 -7.37
N SER A 32 -0.67 28.17 -7.64
CA SER A 32 -1.17 27.92 -8.98
C SER A 32 -1.29 29.25 -9.72
N GLU A 33 -1.69 29.19 -10.99
CA GLU A 33 -1.86 30.41 -11.76
C GLU A 33 -2.94 31.29 -11.16
N TYR A 34 -2.71 32.60 -11.22
CA TYR A 34 -3.59 33.57 -10.58
C TYR A 34 -4.95 33.65 -11.27
N PRO A 39 -15.61 30.11 -13.12
CA PRO A 39 -15.46 28.75 -12.60
C PRO A 39 -14.60 27.85 -13.48
N PHE A 40 -14.59 26.55 -13.18
CA PHE A 40 -13.55 25.65 -13.63
C PHE A 40 -14.13 24.57 -14.53
N SER A 41 -13.52 24.39 -15.70
CA SER A 41 -13.85 23.28 -16.59
C SER A 41 -13.07 22.05 -16.15
N GLU A 42 -13.12 20.99 -16.96
CA GLU A 42 -12.27 19.84 -16.69
C GLU A 42 -10.88 20.06 -17.27
N ALA A 43 -10.79 20.70 -18.44
CA ALA A 43 -9.49 20.88 -19.10
C ALA A 43 -8.66 21.95 -18.41
N SER A 44 -9.29 22.99 -17.86
CA SER A 44 -8.53 24.04 -17.19
C SER A 44 -8.12 23.62 -15.79
N MET A 45 -8.99 22.90 -15.08
CA MET A 45 -8.63 22.39 -13.75
C MET A 45 -7.49 21.38 -13.86
N MET A 46 -7.53 20.52 -14.87
CA MET A 46 -6.44 19.56 -15.08
C MET A 46 -5.14 20.28 -15.43
N GLY A 47 -5.23 21.34 -16.23
CA GLY A 47 -4.04 22.08 -16.59
C GLY A 47 -3.39 22.76 -15.41
N LEU A 48 -4.19 23.33 -14.52
CA LEU A 48 -3.65 23.97 -13.32
C LEU A 48 -2.94 22.95 -12.44
N LEU A 49 -3.50 21.75 -12.32
CA LEU A 49 -2.93 20.74 -11.42
C LEU A 49 -1.68 20.12 -12.01
N THR A 50 -1.67 19.84 -13.31
CA THR A 50 -0.46 19.28 -13.94
C THR A 50 0.64 20.32 -14.01
N ASN A 51 0.29 21.59 -14.22
CA ASN A 51 1.28 22.66 -14.14
C ASN A 51 1.86 22.75 -12.73
N LEU A 52 0.99 22.68 -11.72
CA LEU A 52 1.46 22.71 -10.34
C LEU A 52 2.33 21.50 -10.02
N ALA A 53 1.91 20.32 -10.46
CA ALA A 53 2.68 19.11 -10.18
C ALA A 53 4.03 19.14 -10.87
N ASP A 54 4.09 19.73 -12.07
CA ASP A 54 5.35 19.79 -12.80
C ASP A 54 6.36 20.68 -12.09
N ARG A 55 5.91 21.81 -11.55
CA ARG A 55 6.83 22.69 -10.82
C ARG A 55 7.20 22.12 -9.46
N GLU A 56 6.29 21.36 -8.83
CA GLU A 56 6.62 20.73 -7.55
C GLU A 56 7.65 19.62 -7.70
N LEU A 57 7.65 18.94 -8.85
CA LEU A 57 8.61 17.85 -9.05
C LEU A 57 10.05 18.35 -9.04
N VAL A 58 10.28 19.57 -9.52
CA VAL A 58 11.63 20.13 -9.52
C VAL A 58 12.12 20.32 -8.09
N HIS A 59 11.24 20.76 -7.20
CA HIS A 59 11.61 20.92 -5.80
C HIS A 59 11.67 19.59 -5.05
N MET A 60 10.87 18.62 -5.47
CA MET A 60 10.90 17.31 -4.81
C MET A 60 12.24 16.62 -5.04
N ILE A 61 12.78 16.73 -6.25
CA ILE A 61 14.06 16.11 -6.56
C ILE A 61 15.17 16.71 -5.71
N ASN A 62 15.12 18.02 -5.48
CA ASN A 62 16.11 18.65 -4.60
C ASN A 62 15.82 18.37 -3.13
N TRP A 63 14.56 18.10 -2.78
CA TRP A 63 14.27 17.62 -1.44
C TRP A 63 14.78 16.20 -1.25
N ALA A 64 14.64 15.35 -2.27
CA ALA A 64 15.09 13.97 -2.16
C ALA A 64 16.60 13.89 -1.96
N LYS A 65 17.36 14.76 -2.66
CA LYS A 65 18.80 14.78 -2.48
C LYS A 65 19.19 15.05 -1.03
N ARG A 66 18.33 15.73 -0.27
CA ARG A 66 18.66 16.15 1.08
C ARG A 66 18.06 15.25 2.14
N VAL A 67 17.36 14.18 1.75
CA VAL A 67 16.94 13.15 2.69
C VAL A 67 18.18 12.32 3.04
N PRO A 68 18.54 12.20 4.31
CA PRO A 68 19.76 11.48 4.67
C PRO A 68 19.75 10.05 4.14
N GLY A 69 20.86 9.66 3.50
CA GLY A 69 21.00 8.34 2.91
C GLY A 69 20.64 8.25 1.45
N PHE A 70 19.90 9.22 0.91
CA PHE A 70 19.46 9.14 -0.47
C PHE A 70 20.62 9.40 -1.44
N VAL A 71 21.53 10.31 -1.08
CA VAL A 71 22.69 10.57 -1.92
C VAL A 71 23.59 9.34 -2.01
N ASP A 72 23.59 8.51 -0.97
CA ASP A 72 24.49 7.36 -0.94
C ASP A 72 24.13 6.30 -1.97
N LEU A 73 22.94 6.37 -2.57
CA LEU A 73 22.55 5.42 -3.59
C LEU A 73 23.10 5.84 -4.96
N THR A 74 23.19 4.87 -5.86
CA THR A 74 23.61 5.17 -7.22
C THR A 74 22.57 6.07 -7.89
N LEU A 75 22.97 6.68 -9.01
CA LEU A 75 22.06 7.53 -9.77
C LEU A 75 20.83 6.75 -10.21
N HIS A 76 21.02 5.53 -10.73
CA HIS A 76 19.90 4.74 -11.21
C HIS A 76 18.96 4.34 -10.08
N ASP A 77 19.49 4.07 -8.89
CA ASP A 77 18.61 3.75 -7.76
C ASP A 77 17.82 4.96 -7.31
N GLN A 78 18.42 6.15 -7.38
CA GLN A 78 17.69 7.37 -7.06
C GLN A 78 16.54 7.59 -8.06
N VAL A 79 16.83 7.40 -9.35
CA VAL A 79 15.81 7.57 -10.38
C VAL A 79 14.65 6.62 -10.13
N HIS A 80 14.96 5.38 -9.77
CA HIS A 80 13.91 4.38 -9.56
C HIS A 80 13.05 4.72 -8.35
N LEU A 81 13.67 5.15 -7.24
CA LEU A 81 12.91 5.47 -6.05
C LEU A 81 11.98 6.65 -6.28
N LEU A 82 12.44 7.66 -7.02
CA LEU A 82 11.59 8.81 -7.30
C LEU A 82 10.52 8.46 -8.33
N GLU A 83 10.85 7.65 -9.33
CA GLU A 83 9.87 7.27 -10.34
C GLU A 83 8.70 6.50 -9.72
N CYS A 84 8.98 5.65 -8.73
CA CYS A 84 7.93 4.86 -8.12
C CYS A 84 7.08 5.66 -7.14
N ALA A 85 7.64 6.72 -6.54
CA ALA A 85 7.04 7.35 -5.38
C ALA A 85 6.60 8.80 -5.58
N TRP A 86 6.82 9.38 -6.76
CA TRP A 86 6.61 10.82 -6.90
C TRP A 86 5.16 11.22 -6.66
N LEU A 87 4.22 10.39 -7.13
CA LEU A 87 2.81 10.74 -6.93
C LEU A 87 2.38 10.51 -5.48
N GLU A 88 2.93 9.49 -4.83
CA GLU A 88 2.69 9.30 -3.41
C GLU A 88 3.19 10.51 -2.62
N ILE A 89 4.37 11.02 -2.95
CA ILE A 89 4.95 12.14 -2.22
C ILE A 89 4.14 13.41 -2.46
N LEU A 90 3.68 13.63 -3.70
CA LEU A 90 2.78 14.75 -3.96
C LEU A 90 1.50 14.62 -3.14
N MET A 91 0.97 13.40 -3.04
CA MET A 91 -0.32 13.19 -2.39
C MET A 91 -0.23 13.40 -0.88
N ILE A 92 0.82 12.84 -0.25
CA ILE A 92 0.94 13.02 1.20
C ILE A 92 1.23 14.48 1.52
N GLY A 93 1.88 15.20 0.60
CA GLY A 93 2.02 16.64 0.79
C GLY A 93 0.69 17.36 0.70
N LEU A 94 -0.18 16.91 -0.21
CA LEU A 94 -1.49 17.54 -0.36
C LEU A 94 -2.36 17.30 0.86
N VAL A 95 -2.38 16.08 1.38
CA VAL A 95 -3.23 15.79 2.54
C VAL A 95 -2.70 16.47 3.79
N TRP A 96 -1.38 16.70 3.87
CA TRP A 96 -0.82 17.37 5.03
C TRP A 96 -1.29 18.82 5.12
N ARG A 97 -1.11 19.59 4.05
CA ARG A 97 -1.53 20.98 4.06
C ARG A 97 -3.02 21.17 3.91
N SER A 98 -3.78 20.09 3.68
CA SER A 98 -5.23 20.14 3.67
C SER A 98 -5.84 19.79 5.03
N MET A 99 -5.00 19.52 6.04
CA MET A 99 -5.50 19.07 7.33
C MET A 99 -6.41 20.11 7.96
N GLU A 100 -5.93 21.35 8.10
CA GLU A 100 -6.71 22.40 8.74
C GLU A 100 -7.80 22.97 7.84
N HIS A 101 -8.17 22.26 6.78
CA HIS A 101 -9.30 22.62 5.92
C HIS A 101 -10.17 21.38 5.75
N PRO A 102 -10.98 21.04 6.75
CA PRO A 102 -11.80 19.83 6.66
C PRO A 102 -12.75 19.88 5.46
N GLY A 103 -12.82 18.76 4.75
CA GLY A 103 -13.68 18.65 3.58
C GLY A 103 -13.16 19.33 2.33
N LYS A 104 -11.96 19.90 2.38
CA LYS A 104 -11.38 20.59 1.24
C LYS A 104 -9.94 20.13 1.03
N LEU A 105 -9.45 20.31 -0.19
CA LEU A 105 -8.09 19.95 -0.56
C LEU A 105 -7.33 21.21 -0.95
N LEU A 106 -6.26 21.50 -0.20
CA LEU A 106 -5.46 22.71 -0.41
C LEU A 106 -4.31 22.36 -1.34
N PHE A 107 -4.61 22.38 -2.65
CA PHE A 107 -3.57 22.12 -3.64
C PHE A 107 -2.51 23.21 -3.63
N ALA A 108 -2.95 24.45 -3.60
CA ALA A 108 -2.11 25.63 -3.44
C ALA A 108 -2.85 26.62 -2.57
N PRO A 109 -2.15 27.54 -1.90
CA PRO A 109 -2.84 28.54 -1.08
C PRO A 109 -3.91 29.31 -1.83
N ASN A 110 -3.78 29.46 -3.15
CA ASN A 110 -4.80 30.07 -3.98
C ASN A 110 -5.57 29.03 -4.80
N LEU A 111 -5.58 27.77 -4.35
CA LEU A 111 -6.29 26.70 -5.05
C LEU A 111 -6.76 25.68 -4.00
N LEU A 112 -7.91 25.99 -3.39
CA LEU A 112 -8.54 25.14 -2.39
C LEU A 112 -9.86 24.63 -2.95
N LEU A 113 -10.01 23.31 -3.03
CA LEU A 113 -11.14 22.69 -3.72
C LEU A 113 -11.93 21.80 -2.77
N ASP A 114 -13.23 21.70 -3.02
CA ASP A 114 -14.12 20.81 -2.30
C ASP A 114 -14.61 19.69 -3.23
N ARG A 115 -15.46 18.82 -2.67
CA ARG A 115 -15.90 17.63 -3.40
C ARG A 115 -16.65 18.01 -4.68
N ASN A 116 -17.42 19.09 -4.64
CA ASN A 116 -18.18 19.51 -5.81
C ASN A 116 -17.27 19.85 -6.98
N GLN A 117 -16.08 20.39 -6.70
CA GLN A 117 -15.11 20.64 -7.75
C GLN A 117 -14.51 19.36 -8.32
N GLY A 118 -14.51 18.28 -7.55
CA GLY A 118 -13.96 17.03 -8.06
C GLY A 118 -14.77 16.47 -9.21
N LYS A 119 -16.08 16.69 -9.19
CA LYS A 119 -16.96 16.20 -10.25
C LYS A 119 -16.81 16.97 -11.55
N CYS A 120 -15.96 18.00 -11.60
CA CYS A 120 -15.74 18.71 -12.85
C CYS A 120 -15.02 17.84 -13.87
N VAL A 121 -14.19 16.91 -13.41
CA VAL A 121 -13.52 15.95 -14.26
C VAL A 121 -13.94 14.55 -13.85
N GLU A 122 -14.17 13.69 -14.85
CA GLU A 122 -14.66 12.34 -14.58
C GLU A 122 -13.58 11.50 -13.90
N GLY A 123 -14.04 10.46 -13.20
CA GLY A 123 -13.15 9.50 -12.58
C GLY A 123 -12.32 10.08 -11.45
N MET A 124 -12.57 11.35 -11.12
CA MET A 124 -11.83 12.06 -10.08
C MET A 124 -12.59 12.16 -8.77
N VAL A 125 -13.89 11.86 -8.76
CA VAL A 125 -14.68 11.81 -7.53
C VAL A 125 -14.03 10.83 -6.53
N GLU A 126 -13.74 9.60 -6.97
CA GLU A 126 -13.25 8.58 -6.04
C GLU A 126 -11.91 8.96 -5.44
N ILE A 127 -10.97 9.44 -6.26
CA ILE A 127 -9.66 9.84 -5.73
C ILE A 127 -9.80 11.06 -4.82
N PHE A 128 -10.71 11.97 -5.15
CA PHE A 128 -10.93 13.15 -4.32
C PHE A 128 -11.37 12.74 -2.92
N ASP A 129 -12.38 11.87 -2.81
CA ASP A 129 -12.87 11.45 -1.51
C ASP A 129 -11.80 10.69 -0.73
N MET A 130 -10.98 9.91 -1.42
CA MET A 130 -9.90 9.19 -0.75
C MET A 130 -8.89 10.14 -0.14
N LEU A 131 -8.52 11.19 -0.88
CA LEU A 131 -7.59 12.18 -0.35
C LEU A 131 -8.19 12.90 0.85
N LEU A 132 -9.47 13.29 0.75
CA LEU A 132 -10.14 13.93 1.87
C LEU A 132 -10.17 13.02 3.09
N ALA A 133 -10.41 11.72 2.87
CA ALA A 133 -10.45 10.78 3.99
C ALA A 133 -9.08 10.65 4.65
N THR A 134 -8.01 10.60 3.85
CA THR A 134 -6.66 10.53 4.42
C THR A 134 -6.34 11.79 5.21
N SER A 135 -6.75 12.96 4.70
CA SER A 135 -6.51 14.21 5.41
C SER A 135 -7.28 14.23 6.73
N SER A 136 -8.55 13.82 6.70
CA SER A 136 -9.33 13.77 7.93
C SER A 136 -8.74 12.79 8.93
N ARG A 137 -8.17 11.68 8.43
CA ARG A 137 -7.51 10.73 9.31
C ARG A 137 -6.30 11.36 10.00
N PHE A 138 -5.49 12.11 9.24
CA PHE A 138 -4.34 12.80 9.83
C PHE A 138 -4.80 13.82 10.87
N ARG A 139 -5.94 14.48 10.62
CA ARG A 139 -6.41 15.51 11.54
C ARG A 139 -6.86 14.90 12.87
N MET A 140 -7.60 13.79 12.82
CA MET A 140 -8.05 13.14 14.04
C MET A 140 -6.91 12.45 14.77
N MET A 141 -5.79 12.21 14.10
CA MET A 141 -4.60 11.68 14.76
C MET A 141 -3.67 12.75 15.27
N ASN A 142 -3.93 14.03 14.95
CA ASN A 142 -3.07 15.15 15.33
C ASN A 142 -1.63 14.92 14.86
N LEU A 143 -1.50 14.63 13.57
CA LEU A 143 -0.20 14.39 12.98
C LEU A 143 0.69 15.63 13.13
N GLN A 144 1.89 15.42 13.66
CA GLN A 144 2.84 16.51 13.82
C GLN A 144 3.72 16.64 12.59
N GLY A 145 4.23 17.85 12.37
CA GLY A 145 5.10 18.08 11.23
C GLY A 145 6.35 17.22 11.26
N GLU A 146 6.88 16.93 12.45
CA GLU A 146 8.03 16.05 12.55
C GLU A 146 7.67 14.63 12.15
N GLU A 147 6.44 14.19 12.46
CA GLU A 147 6.00 12.87 12.01
C GLU A 147 5.76 12.85 10.50
N PHE A 148 5.22 13.95 9.95
CA PHE A 148 4.93 14.00 8.52
C PHE A 148 6.20 13.88 7.70
N VAL A 149 7.25 14.63 8.06
CA VAL A 149 8.48 14.57 7.28
C VAL A 149 9.13 13.19 7.38
N CYS A 150 8.92 12.48 8.50
CA CYS A 150 9.40 11.11 8.59
C CYS A 150 8.60 10.19 7.66
N LEU A 151 7.28 10.35 7.63
CA LEU A 151 6.45 9.52 6.76
C LEU A 151 6.76 9.76 5.30
N LYS A 152 7.00 11.02 4.91
CA LYS A 152 7.28 11.32 3.51
C LYS A 152 8.62 10.72 3.08
N SER A 153 9.62 10.76 3.96
CA SER A 153 10.90 10.13 3.63
C SER A 153 10.76 8.61 3.54
N ILE A 154 9.91 8.02 4.39
CA ILE A 154 9.70 6.58 4.33
C ILE A 154 9.11 6.17 2.99
N ILE A 155 8.18 6.97 2.46
CA ILE A 155 7.59 6.69 1.16
C ILE A 155 8.66 6.69 0.08
N LEU A 156 9.54 7.69 0.09
CA LEU A 156 10.58 7.80 -0.91
C LEU A 156 11.47 6.55 -0.93
N LEU A 157 11.91 6.10 0.25
CA LEU A 157 12.85 4.99 0.33
C LEU A 157 12.19 3.63 0.28
N ASN A 158 10.90 3.53 0.62
CA ASN A 158 10.27 2.22 0.70
C ASN A 158 9.57 1.81 -0.58
N SER A 159 8.81 2.72 -1.20
CA SER A 159 7.91 2.35 -2.28
C SER A 159 8.64 1.72 -3.45
N GLY A 160 9.90 2.07 -3.66
CA GLY A 160 10.63 1.53 -4.79
C GLY A 160 11.75 0.56 -4.42
N VAL A 161 11.64 -0.10 -3.27
CA VAL A 161 12.76 -0.89 -2.76
C VAL A 161 12.76 -2.34 -3.26
N TYR A 162 11.69 -2.80 -3.92
CA TYR A 162 11.57 -4.20 -4.31
C TYR A 162 11.53 -4.48 -5.79
N THR A 163 11.62 -3.42 -6.59
CA THR A 163 10.87 -3.33 -7.80
C THR A 163 11.60 -2.72 -8.98
N LYS A 175 19.80 -3.31 -1.62
CA LYS A 175 18.65 -2.79 -0.90
C LYS A 175 18.90 -2.79 0.61
N ASP A 176 20.07 -3.28 1.01
CA ASP A 176 20.38 -3.39 2.43
C ASP A 176 20.59 -2.01 3.06
N HIS A 177 21.20 -1.09 2.33
CA HIS A 177 21.41 0.25 2.87
C HIS A 177 20.09 0.97 3.09
N ILE A 178 19.16 0.84 2.14
CA ILE A 178 17.85 1.47 2.28
C ILE A 178 17.15 0.98 3.53
N HIS A 179 17.23 -0.32 3.80
CA HIS A 179 16.54 -0.88 4.96
C HIS A 179 17.17 -0.39 6.26
N ARG A 180 18.48 -0.19 6.29
CA ARG A 180 19.11 0.38 7.48
C ARG A 180 18.65 1.81 7.70
N VAL A 181 18.50 2.58 6.62
CA VAL A 181 18.01 3.95 6.75
C VAL A 181 16.55 3.93 7.17
N LEU A 182 15.77 2.98 6.66
CA LEU A 182 14.36 2.88 7.07
C LEU A 182 14.24 2.57 8.56
N ASP A 183 15.09 1.68 9.08
CA ASP A 183 15.12 1.44 10.51
C ASP A 183 15.49 2.71 11.27
N LYS A 184 16.41 3.51 10.72
CA LYS A 184 16.81 4.75 11.37
C LYS A 184 15.64 5.71 11.48
N ILE A 185 14.78 5.76 10.46
CA ILE A 185 13.63 6.66 10.50
C ILE A 185 12.56 6.14 11.46
N THR A 186 12.40 4.81 11.56
CA THR A 186 11.53 4.25 12.58
C THR A 186 11.98 4.64 13.97
N ASP A 187 13.30 4.59 14.22
CA ASP A 187 13.83 5.07 15.49
C ASP A 187 13.45 6.52 15.74
N THR A 188 13.50 7.34 14.69
CA THR A 188 13.18 8.75 14.84
C THR A 188 11.70 8.97 15.13
N LEU A 189 10.83 8.21 14.47
CA LEU A 189 9.39 8.32 14.75
C LEU A 189 9.09 7.97 16.20
N ILE A 190 9.65 6.85 16.68
CA ILE A 190 9.46 6.47 18.08
C ILE A 190 10.06 7.53 19.01
N HIS A 191 11.22 8.08 18.64
CA HIS A 191 11.85 9.10 19.46
C HIS A 191 10.98 10.34 19.58
N LEU A 192 10.20 10.65 18.54
CA LEU A 192 9.31 11.81 18.60
C LEU A 192 8.11 11.54 19.50
N MET A 193 7.57 10.32 19.46
CA MET A 193 6.36 10.01 20.21
C MET A 193 6.66 9.91 21.72
N ALA A 194 7.75 9.26 22.09
CA ALA A 194 8.15 9.24 23.49
C ALA A 194 8.47 10.64 23.99
N LYS A 195 8.94 11.51 23.09
CA LYS A 195 9.21 12.90 23.45
C LYS A 195 7.93 13.66 23.74
N ALA A 196 6.83 13.29 23.07
CA ALA A 196 5.53 13.94 23.29
C ALA A 196 4.77 13.33 24.46
N GLY A 197 5.35 12.36 25.16
CA GLY A 197 4.76 11.82 26.38
C GLY A 197 3.96 10.54 26.19
N LEU A 198 3.85 10.02 24.98
CA LEU A 198 3.06 8.82 24.74
C LEU A 198 3.65 7.63 25.49
N THR A 199 2.77 6.77 26.01
CA THR A 199 3.20 5.57 26.70
C THR A 199 3.87 4.61 25.72
N LEU A 200 4.54 3.59 26.27
CA LEU A 200 5.16 2.56 25.46
C LEU A 200 4.14 1.91 24.52
N GLN A 201 2.96 1.58 25.06
CA GLN A 201 1.94 0.95 24.23
C GLN A 201 1.38 1.93 23.20
N GLN A 202 1.22 3.20 23.58
CA GLN A 202 0.73 4.19 22.64
C GLN A 202 1.74 4.46 21.52
N GLN A 203 3.02 4.25 21.78
CA GLN A 203 4.05 4.52 20.78
C GLN A 203 3.94 3.55 19.61
N HIS A 204 3.92 2.25 19.88
CA HIS A 204 3.86 1.29 18.79
C HIS A 204 2.48 1.23 18.15
N GLN A 205 1.42 1.55 18.91
CA GLN A 205 0.10 1.65 18.30
C GLN A 205 0.04 2.83 17.33
N ARG A 206 0.60 3.97 17.71
CA ARG A 206 0.61 5.11 16.80
C ARG A 206 1.56 4.86 15.62
N LEU A 207 2.65 4.15 15.86
CA LEU A 207 3.55 3.79 14.77
C LEU A 207 2.84 2.91 13.74
N ALA A 208 2.03 1.98 14.21
CA ALA A 208 1.28 1.11 13.30
C ALA A 208 0.22 1.88 12.54
N GLN A 209 -0.50 2.78 13.23
CA GLN A 209 -1.53 3.56 12.56
C GLN A 209 -0.94 4.41 11.43
N LEU A 210 0.17 5.07 11.70
CA LEU A 210 0.77 5.95 10.70
C LEU A 210 1.22 5.16 9.47
N LEU A 211 1.86 4.01 9.67
CA LEU A 211 2.37 3.24 8.54
C LEU A 211 1.27 2.55 7.77
N LEU A 212 0.14 2.24 8.43
CA LEU A 212 -0.99 1.68 7.69
C LEU A 212 -1.62 2.70 6.75
N ILE A 213 -1.46 3.99 7.03
CA ILE A 213 -1.90 5.02 6.08
C ILE A 213 -1.12 4.91 4.79
N LEU A 214 0.16 4.52 4.88
CA LEU A 214 1.00 4.43 3.69
C LEU A 214 0.48 3.40 2.69
N SER A 215 -0.24 2.38 3.18
CA SER A 215 -0.87 1.44 2.25
C SER A 215 -1.93 2.12 1.41
N HIS A 216 -2.71 3.03 2.00
CA HIS A 216 -3.76 3.72 1.28
C HIS A 216 -3.22 4.82 0.37
N ILE A 217 -2.16 5.50 0.80
CA ILE A 217 -1.48 6.46 -0.08
C ILE A 217 -0.97 5.75 -1.32
N ARG A 218 -0.45 4.53 -1.16
CA ARG A 218 -0.06 3.73 -2.32
C ARG A 218 -1.26 3.45 -3.21
N HIS A 219 -2.40 3.07 -2.61
CA HIS A 219 -3.59 2.79 -3.39
C HIS A 219 -4.07 4.01 -4.14
N MET A 220 -4.09 5.17 -3.47
CA MET A 220 -4.50 6.40 -4.15
C MET A 220 -3.55 6.74 -5.29
N SER A 221 -2.25 6.55 -5.08
CA SER A 221 -1.28 6.83 -6.13
C SER A 221 -1.51 5.98 -7.36
N ASN A 222 -1.83 4.69 -7.17
CA ASN A 222 -2.08 3.82 -8.30
C ASN A 222 -3.35 4.21 -9.03
N LYS A 223 -4.39 4.61 -8.30
CA LYS A 223 -5.59 5.12 -8.95
C LYS A 223 -5.31 6.43 -9.67
N GLY A 224 -4.52 7.31 -9.05
CA GLY A 224 -4.17 8.56 -9.70
C GLY A 224 -3.29 8.38 -10.92
N MET A 225 -2.44 7.36 -10.92
CA MET A 225 -1.58 7.11 -12.07
C MET A 225 -2.38 6.64 -13.27
N GLU A 226 -3.37 5.77 -13.04
CA GLU A 226 -4.27 5.37 -14.12
C GLU A 226 -5.06 6.56 -14.65
N HIS A 227 -5.44 7.49 -13.78
CA HIS A 227 -6.21 8.65 -14.22
C HIS A 227 -5.36 9.59 -15.07
N LEU A 228 -4.11 9.81 -14.67
CA LEU A 228 -3.22 10.65 -15.45
C LEU A 228 -2.95 10.05 -16.83
N TYR A 229 -2.88 8.71 -16.88
CA TYR A 229 -2.65 8.03 -18.15
C TYR A 229 -3.81 8.25 -19.12
N SER A 230 -5.06 8.19 -18.61
CA SER A 230 -6.21 8.43 -19.48
C SER A 230 -6.28 9.88 -19.94
N MET A 231 -5.85 10.83 -19.11
CA MET A 231 -5.78 12.21 -19.54
C MET A 231 -4.68 12.42 -20.57
N LYS A 232 -3.60 11.64 -20.48
CA LYS A 232 -2.60 11.66 -21.55
C LYS A 232 -3.18 11.07 -22.84
N CYS A 233 -3.93 9.97 -22.72
CA CYS A 233 -4.50 9.33 -23.90
C CYS A 233 -5.66 10.13 -24.48
N LYS A 234 -6.47 10.77 -23.64
CA LYS A 234 -7.48 11.68 -24.18
C LYS A 234 -6.87 12.95 -24.76
N ASN A 235 -5.57 13.17 -24.55
CA ASN A 235 -4.85 14.32 -25.09
C ASN A 235 -5.57 15.62 -24.75
N VAL A 236 -6.18 15.66 -23.56
CA VAL A 236 -7.02 16.78 -23.20
C VAL A 236 -6.18 17.98 -22.76
N VAL A 237 -5.15 17.74 -21.94
CA VAL A 237 -4.36 18.83 -21.38
C VAL A 237 -2.89 18.64 -21.77
N PRO A 238 -2.10 19.72 -21.87
CA PRO A 238 -0.68 19.58 -22.18
C PRO A 238 0.10 19.10 -20.96
N LEU A 239 0.75 17.95 -21.11
CA LEU A 239 1.61 17.40 -20.07
C LEU A 239 3.06 17.71 -20.38
N SER A 240 3.82 18.10 -19.37
CA SER A 240 5.23 18.39 -19.58
C SER A 240 6.00 17.09 -19.84
N ASP A 241 7.15 17.25 -20.51
CA ASP A 241 7.99 16.09 -20.82
C ASP A 241 8.44 15.39 -19.54
N LEU A 242 8.80 16.16 -18.52
CA LEU A 242 9.19 15.55 -17.24
C LEU A 242 8.03 14.80 -16.62
N LEU A 243 6.86 15.44 -16.53
CA LEU A 243 5.68 14.76 -16.01
C LEU A 243 5.31 13.55 -16.84
N LEU A 244 5.55 13.61 -18.16
CA LEU A 244 5.25 12.47 -19.01
C LEU A 244 6.24 11.33 -18.78
N GLU A 245 7.50 11.66 -18.53
CA GLU A 245 8.49 10.62 -18.28
C GLU A 245 8.25 9.94 -16.94
N MET A 246 7.85 10.70 -15.92
CA MET A 246 7.47 10.08 -14.65
C MET A 246 6.26 9.18 -14.82
N LEU A 247 5.25 9.65 -15.55
CA LEU A 247 4.09 8.81 -15.85
C LEU A 247 4.49 7.60 -16.68
N ASP A 248 5.39 7.78 -17.65
CA ASP A 248 5.78 6.69 -18.53
C ASP A 248 6.47 5.57 -17.78
N ALA A 249 7.12 5.89 -16.66
CA ALA A 249 7.86 4.90 -15.90
C ALA A 249 6.96 3.86 -15.23
N HIS A 250 5.65 4.08 -15.19
CA HIS A 250 4.72 3.17 -14.54
C HIS A 250 3.99 2.26 -15.52
N ARG A 251 4.07 2.52 -16.82
CA ARG A 251 3.31 1.75 -17.80
C ARG A 251 3.96 0.42 -18.12
N SER B 8 -18.65 -7.35 23.05
CA SER B 8 -17.66 -7.71 22.04
C SER B 8 -16.52 -8.50 22.65
N LEU B 9 -16.35 -9.74 22.17
CA LEU B 9 -15.30 -10.61 22.69
C LEU B 9 -13.92 -10.29 22.13
N ALA B 10 -13.85 -9.62 20.97
CA ALA B 10 -12.57 -9.40 20.32
C ALA B 10 -11.69 -8.44 21.13
N LEU B 11 -12.29 -7.41 21.71
CA LEU B 11 -11.52 -6.44 22.47
C LEU B 11 -11.13 -6.93 23.86
N SER B 12 -11.60 -8.11 24.27
CA SER B 12 -11.25 -8.70 25.55
C SER B 12 -10.25 -9.82 25.43
N LEU B 13 -9.78 -10.14 24.23
CA LEU B 13 -8.85 -11.24 24.03
C LEU B 13 -7.44 -10.82 24.44
N THR B 14 -6.76 -11.69 25.17
CA THR B 14 -5.34 -11.50 25.42
C THR B 14 -4.56 -11.71 24.13
N ALA B 15 -3.27 -11.41 24.17
CA ALA B 15 -2.42 -11.57 22.99
C ALA B 15 -2.35 -13.04 22.57
N ASP B 16 -2.14 -13.94 23.54
CA ASP B 16 -2.10 -15.37 23.22
C ASP B 16 -3.44 -15.86 22.70
N GLN B 17 -4.55 -15.35 23.26
CA GLN B 17 -5.86 -15.70 22.75
C GLN B 17 -6.06 -15.19 21.33
N MET B 18 -5.56 -14.00 21.04
CA MET B 18 -5.62 -13.48 19.68
C MET B 18 -4.87 -14.38 18.71
N VAL B 19 -3.64 -14.77 19.07
CA VAL B 19 -2.87 -15.68 18.23
C VAL B 19 -3.58 -17.01 18.08
N SER B 20 -4.12 -17.56 19.16
CA SER B 20 -4.78 -18.86 19.11
C SER B 20 -5.98 -18.84 18.18
N ALA B 21 -6.79 -17.78 18.24
CA ALA B 21 -7.97 -17.70 17.38
C ALA B 21 -7.58 -17.57 15.91
N LEU B 22 -6.57 -16.75 15.62
CA LEU B 22 -6.15 -16.56 14.23
C LEU B 22 -5.54 -17.83 13.65
N LEU B 23 -4.71 -18.53 14.43
CA LEU B 23 -4.14 -19.78 13.96
C LEU B 23 -5.22 -20.84 13.75
N ASP B 24 -6.20 -20.89 14.66
CA ASP B 24 -7.27 -21.88 14.54
C ASP B 24 -8.17 -21.61 13.35
N ALA B 25 -8.21 -20.38 12.85
CA ALA B 25 -9.08 -20.01 11.75
C ALA B 25 -8.41 -20.13 10.38
N GLU B 26 -7.17 -20.59 10.33
CA GLU B 26 -6.44 -20.63 9.07
C GLU B 26 -7.17 -21.49 8.05
N PRO B 27 -7.22 -21.08 6.78
CA PRO B 27 -7.87 -21.89 5.76
C PRO B 27 -6.91 -22.95 5.24
N PRO B 28 -7.42 -24.00 4.61
CA PRO B 28 -6.53 -25.04 4.08
C PRO B 28 -5.77 -24.58 2.85
N ILE B 29 -4.74 -25.34 2.52
CA ILE B 29 -3.99 -25.13 1.29
C ILE B 29 -4.60 -26.03 0.22
N LEU B 30 -5.16 -25.42 -0.82
CA LEU B 30 -5.87 -26.16 -1.85
C LEU B 30 -4.95 -26.56 -2.98
N TYR B 31 -5.37 -27.59 -3.72
CA TYR B 31 -4.65 -28.07 -4.89
C TYR B 31 -5.25 -27.47 -6.16
N SER B 32 -4.42 -27.33 -7.18
CA SER B 32 -4.89 -26.93 -8.49
C SER B 32 -5.25 -28.17 -9.30
N GLU B 33 -5.87 -27.95 -10.46
CA GLU B 33 -6.19 -29.02 -11.39
C GLU B 33 -5.08 -29.24 -12.41
N TYR B 34 -3.84 -28.89 -12.06
CA TYR B 34 -2.73 -28.94 -12.99
C TYR B 34 -2.38 -30.38 -13.35
N ASP B 35 -2.30 -30.64 -14.65
CA ASP B 35 -1.83 -31.92 -15.17
C ASP B 35 -0.45 -31.72 -15.79
N PRO B 36 0.61 -32.32 -15.25
CA PRO B 36 1.95 -32.07 -15.79
C PRO B 36 2.19 -32.67 -17.17
N THR B 37 1.24 -33.42 -17.72
CA THR B 37 1.36 -33.93 -19.07
C THR B 37 0.54 -33.14 -20.07
N ARG B 38 -0.47 -32.42 -19.63
CA ARG B 38 -1.18 -31.51 -20.51
C ARG B 38 -0.28 -30.32 -20.83
N PRO B 39 -0.09 -29.97 -22.10
CA PRO B 39 0.80 -28.86 -22.43
C PRO B 39 0.20 -27.53 -22.01
N PHE B 40 1.07 -26.59 -21.67
CA PHE B 40 0.64 -25.30 -21.16
C PHE B 40 0.23 -24.39 -22.30
N SER B 41 -0.93 -23.76 -22.15
CA SER B 41 -1.30 -22.58 -22.92
C SER B 41 -1.53 -21.45 -21.92
N GLU B 42 -1.12 -20.23 -22.29
CA GLU B 42 -1.30 -19.09 -21.41
C GLU B 42 -2.73 -18.99 -20.91
N ALA B 43 -3.70 -19.40 -21.75
CA ALA B 43 -5.08 -19.43 -21.31
C ALA B 43 -5.34 -20.55 -20.30
N SER B 44 -4.64 -21.68 -20.43
CA SER B 44 -4.86 -22.78 -19.50
C SER B 44 -4.21 -22.51 -18.15
N MET B 45 -3.00 -21.92 -18.15
CA MET B 45 -2.39 -21.53 -16.88
C MET B 45 -3.23 -20.49 -16.16
N MET B 46 -3.77 -19.52 -16.91
CA MET B 46 -4.72 -18.58 -16.32
C MET B 46 -5.93 -19.31 -15.76
N GLY B 47 -6.47 -20.28 -16.50
CA GLY B 47 -7.61 -21.03 -16.02
C GLY B 47 -7.32 -21.79 -14.74
N LEU B 48 -6.11 -22.35 -14.64
CA LEU B 48 -5.73 -23.05 -13.41
C LEU B 48 -5.61 -22.09 -12.24
N LEU B 49 -5.05 -20.89 -12.47
CA LEU B 49 -4.84 -19.96 -11.37
C LEU B 49 -6.15 -19.29 -10.95
N THR B 50 -7.03 -19.00 -11.90
CA THR B 50 -8.31 -18.39 -11.56
C THR B 50 -9.28 -19.40 -10.98
N ASN B 51 -9.20 -20.67 -11.41
CA ASN B 51 -9.96 -21.72 -10.74
C ASN B 51 -9.52 -21.86 -9.29
N LEU B 52 -8.21 -21.84 -9.04
CA LEU B 52 -7.71 -21.95 -7.68
C LEU B 52 -8.16 -20.77 -6.83
N ALA B 53 -8.02 -19.55 -7.37
CA ALA B 53 -8.41 -18.36 -6.62
C ALA B 53 -9.91 -18.38 -6.29
N ASP B 54 -10.72 -18.88 -7.23
CA ASP B 54 -12.16 -18.95 -6.97
C ASP B 54 -12.48 -19.88 -5.81
N ARG B 55 -11.83 -21.05 -5.76
CA ARG B 55 -12.08 -21.98 -4.67
C ARG B 55 -11.50 -21.49 -3.35
N GLU B 56 -10.39 -20.74 -3.40
CA GLU B 56 -9.85 -20.15 -2.18
C GLU B 56 -10.77 -19.07 -1.63
N LEU B 57 -11.51 -18.36 -2.49
CA LEU B 57 -12.36 -17.27 -2.04
C LEU B 57 -13.44 -17.78 -1.09
N VAL B 58 -13.95 -19.00 -1.33
CA VAL B 58 -14.98 -19.54 -0.44
C VAL B 58 -14.41 -19.77 0.95
N HIS B 59 -13.17 -20.27 1.03
CA HIS B 59 -12.54 -20.46 2.34
C HIS B 59 -12.18 -19.14 2.98
N MET B 60 -11.78 -18.15 2.19
CA MET B 60 -11.42 -16.84 2.74
C MET B 60 -12.62 -16.17 3.38
N ILE B 61 -13.81 -16.33 2.78
CA ILE B 61 -15.02 -15.73 3.33
C ILE B 61 -15.31 -16.30 4.71
N ASN B 62 -15.20 -17.61 4.87
CA ASN B 62 -15.43 -18.23 6.16
C ASN B 62 -14.26 -18.04 7.13
N TRP B 63 -13.05 -17.84 6.62
CA TRP B 63 -11.95 -17.44 7.48
C TRP B 63 -12.14 -16.03 8.01
N ALA B 64 -12.68 -15.14 7.16
CA ALA B 64 -12.92 -13.77 7.60
C ALA B 64 -13.96 -13.72 8.72
N LYS B 65 -14.96 -14.59 8.67
CA LYS B 65 -15.95 -14.63 9.73
C LYS B 65 -15.33 -15.00 11.07
N ARG B 66 -14.20 -15.71 11.05
CA ARG B 66 -13.56 -16.15 12.28
C ARG B 66 -12.45 -15.21 12.72
N VAL B 67 -12.27 -14.09 12.05
CA VAL B 67 -11.31 -13.06 12.49
C VAL B 67 -11.95 -12.26 13.61
N PRO B 68 -11.27 -12.07 14.74
CA PRO B 68 -11.87 -11.35 15.87
C PRO B 68 -12.26 -9.93 15.50
N GLY B 69 -13.52 -9.59 15.77
CA GLY B 69 -14.06 -8.28 15.49
C GLY B 69 -14.78 -8.15 14.16
N PHE B 70 -14.50 -9.06 13.22
CA PHE B 70 -15.08 -8.96 11.88
C PHE B 70 -16.59 -9.16 11.91
N VAL B 71 -17.08 -10.05 12.77
CA VAL B 71 -18.51 -10.31 12.84
C VAL B 71 -19.26 -9.10 13.39
N ASP B 72 -18.60 -8.30 14.23
CA ASP B 72 -19.24 -7.13 14.83
C ASP B 72 -19.60 -6.05 13.81
N LEU B 73 -19.14 -6.18 12.57
CA LEU B 73 -19.43 -5.21 11.53
C LEU B 73 -20.71 -5.56 10.79
N THR B 74 -21.30 -4.56 10.16
CA THR B 74 -22.49 -4.79 9.37
C THR B 74 -22.16 -5.64 8.15
N LEU B 75 -23.19 -6.26 7.57
CA LEU B 75 -23.00 -7.13 6.42
C LEU B 75 -22.43 -6.35 5.24
N HIS B 76 -22.86 -5.10 5.05
CA HIS B 76 -22.33 -4.29 3.96
C HIS B 76 -20.88 -3.89 4.20
N ASP B 77 -20.48 -3.73 5.47
CA ASP B 77 -19.08 -3.42 5.75
C ASP B 77 -18.20 -4.64 5.51
N GLN B 78 -18.68 -5.83 5.88
CA GLN B 78 -17.94 -7.06 5.60
C GLN B 78 -17.75 -7.25 4.10
N VAL B 79 -18.82 -7.05 3.33
CA VAL B 79 -18.74 -7.17 1.87
C VAL B 79 -17.70 -6.21 1.33
N HIS B 80 -17.66 -4.98 1.84
CA HIS B 80 -16.73 -3.98 1.32
C HIS B 80 -15.29 -4.34 1.63
N LEU B 81 -15.01 -4.74 2.87
CA LEU B 81 -13.64 -5.06 3.25
C LEU B 81 -13.10 -6.23 2.45
N LEU B 82 -13.92 -7.26 2.23
CA LEU B 82 -13.47 -8.40 1.43
C LEU B 82 -13.30 -8.02 -0.03
N GLU B 83 -14.18 -7.17 -0.56
CA GLU B 83 -14.05 -6.75 -1.95
C GLU B 83 -12.74 -6.01 -2.19
N CYS B 84 -12.33 -5.19 -1.24
CA CYS B 84 -11.09 -4.42 -1.39
C CYS B 84 -9.84 -5.23 -1.13
N ALA B 85 -9.92 -6.32 -0.34
CA ALA B 85 -8.73 -6.96 0.19
C ALA B 85 -8.49 -8.38 -0.30
N TRP B 86 -9.39 -8.96 -1.09
CA TRP B 86 -9.31 -10.39 -1.38
C TRP B 86 -8.03 -10.76 -2.10
N LEU B 87 -7.61 -9.96 -3.10
CA LEU B 87 -6.40 -10.29 -3.82
C LEU B 87 -5.16 -10.07 -2.97
N GLU B 88 -5.17 -9.05 -2.10
CA GLU B 88 -4.08 -8.86 -1.15
C GLU B 88 -3.91 -10.09 -0.27
N ILE B 89 -5.01 -10.63 0.24
CA ILE B 89 -4.95 -11.76 1.15
C ILE B 89 -4.50 -13.02 0.42
N LEU B 90 -4.98 -13.22 -0.81
CA LEU B 90 -4.48 -14.31 -1.63
C LEU B 90 -2.98 -14.17 -1.86
N MET B 91 -2.51 -12.94 -2.08
CA MET B 91 -1.11 -12.72 -2.41
C MET B 91 -0.21 -12.97 -1.21
N ILE B 92 -0.56 -12.44 -0.04
CA ILE B 92 0.26 -12.66 1.13
C ILE B 92 0.25 -14.13 1.52
N GLY B 93 -0.85 -14.84 1.23
CA GLY B 93 -0.86 -16.28 1.44
C GLY B 93 0.04 -17.00 0.45
N LEU B 94 0.10 -16.50 -0.78
CA LEU B 94 0.99 -17.09 -1.79
C LEU B 94 2.45 -16.95 -1.39
N VAL B 95 2.87 -15.73 -1.06
CA VAL B 95 4.27 -15.50 -0.73
C VAL B 95 4.66 -16.16 0.59
N TRP B 96 3.70 -16.39 1.48
CA TRP B 96 3.99 -17.06 2.73
C TRP B 96 4.36 -18.53 2.49
N ARG B 97 3.52 -19.26 1.76
CA ARG B 97 3.80 -20.66 1.51
C ARG B 97 4.92 -20.86 0.49
N SER B 98 5.35 -19.79 -0.18
CA SER B 98 6.48 -19.86 -1.11
C SER B 98 7.80 -19.49 -0.46
N MET B 99 7.81 -19.23 0.85
CA MET B 99 9.02 -18.74 1.51
C MET B 99 10.18 -19.72 1.36
N GLU B 100 9.94 -20.99 1.65
CA GLU B 100 11.00 -22.00 1.57
C GLU B 100 11.23 -22.52 0.15
N HIS B 101 10.74 -21.79 -0.86
CA HIS B 101 10.96 -22.15 -2.27
C HIS B 101 11.54 -20.96 -2.99
N PRO B 102 12.84 -20.66 -2.76
CA PRO B 102 13.43 -19.45 -3.34
C PRO B 102 13.40 -19.48 -4.86
N GLY B 103 13.04 -18.34 -5.44
CA GLY B 103 12.95 -18.22 -6.88
C GLY B 103 11.73 -18.86 -7.51
N LYS B 104 10.79 -19.36 -6.72
CA LYS B 104 9.60 -20.01 -7.23
C LYS B 104 8.40 -19.62 -6.39
N LEU B 105 7.22 -19.69 -7.01
CA LEU B 105 5.96 -19.36 -6.37
C LEU B 105 5.12 -20.62 -6.24
N LEU B 106 4.75 -20.97 -5.00
CA LEU B 106 3.94 -22.15 -4.72
C LEU B 106 2.48 -21.73 -4.71
N PHE B 107 1.86 -21.74 -5.90
CA PHE B 107 0.43 -21.46 -5.97
C PHE B 107 -0.38 -22.58 -5.33
N ALA B 108 0.03 -23.82 -5.57
CA ALA B 108 -0.52 -25.00 -4.94
C ALA B 108 0.61 -25.98 -4.73
N PRO B 109 0.45 -26.97 -3.84
CA PRO B 109 1.50 -27.98 -3.67
C PRO B 109 1.88 -28.69 -4.96
N ASN B 110 0.98 -28.72 -5.94
CA ASN B 110 1.25 -29.34 -7.24
C ASN B 110 1.39 -28.30 -8.35
N LEU B 111 1.59 -27.04 -8.00
CA LEU B 111 1.75 -25.96 -8.98
C LEU B 111 2.84 -25.02 -8.46
N LEU B 112 4.08 -25.32 -8.81
CA LEU B 112 5.25 -24.54 -8.40
C LEU B 112 5.85 -23.92 -9.65
N LEU B 113 5.68 -22.61 -9.81
CA LEU B 113 6.11 -21.90 -11.01
C LEU B 113 7.35 -21.07 -10.70
N ASP B 114 8.29 -21.04 -11.65
CA ASP B 114 9.41 -20.12 -11.61
C ASP B 114 9.24 -19.07 -12.70
N ARG B 115 10.26 -18.21 -12.83
CA ARG B 115 10.13 -16.98 -13.60
C ARG B 115 9.77 -17.26 -15.06
N ASN B 116 10.44 -18.24 -15.68
CA ASN B 116 10.26 -18.47 -17.11
C ASN B 116 8.83 -18.86 -17.47
N GLN B 117 8.10 -19.46 -16.54
CA GLN B 117 6.73 -19.87 -16.78
C GLN B 117 5.72 -18.76 -16.54
N GLY B 118 6.12 -17.67 -15.89
CA GLY B 118 5.25 -16.53 -15.72
C GLY B 118 5.15 -15.70 -16.98
N LYS B 119 6.26 -15.60 -17.72
CA LYS B 119 6.28 -14.90 -18.99
C LYS B 119 5.43 -15.59 -20.05
N CYS B 120 4.94 -16.81 -19.78
CA CYS B 120 3.99 -17.45 -20.69
C CYS B 120 2.72 -16.62 -20.84
N VAL B 121 2.38 -15.85 -19.82
CA VAL B 121 1.22 -14.96 -19.84
C VAL B 121 1.72 -13.52 -19.78
N GLU B 122 1.15 -12.66 -20.63
CA GLU B 122 1.71 -11.33 -20.85
C GLU B 122 1.40 -10.40 -19.67
N GLY B 123 2.28 -9.43 -19.45
CA GLY B 123 2.20 -8.53 -18.33
C GLY B 123 2.44 -9.18 -16.97
N MET B 124 2.74 -10.48 -16.94
CA MET B 124 2.88 -11.19 -15.68
C MET B 124 4.24 -10.98 -15.03
N VAL B 125 5.29 -10.82 -15.84
CA VAL B 125 6.67 -10.83 -15.34
C VAL B 125 6.85 -9.88 -14.16
N GLU B 126 6.28 -8.67 -14.25
CA GLU B 126 6.49 -7.69 -13.17
C GLU B 126 5.74 -8.07 -11.89
N ILE B 127 4.50 -8.53 -12.00
CA ILE B 127 3.78 -9.03 -10.82
C ILE B 127 4.49 -10.25 -10.24
N PHE B 128 4.97 -11.14 -11.11
CA PHE B 128 5.70 -12.32 -10.67
C PHE B 128 6.94 -11.94 -9.87
N ASP B 129 7.72 -10.98 -10.39
CA ASP B 129 8.95 -10.58 -9.72
C ASP B 129 8.66 -9.94 -8.37
N MET B 130 7.61 -9.12 -8.28
CA MET B 130 7.29 -8.48 -7.01
C MET B 130 6.84 -9.49 -5.97
N LEU B 131 6.12 -10.53 -6.41
CA LEU B 131 5.74 -11.60 -5.49
C LEU B 131 6.95 -12.37 -5.00
N LEU B 132 7.92 -12.62 -5.88
CA LEU B 132 9.16 -13.29 -5.47
C LEU B 132 9.95 -12.43 -4.50
N ALA B 133 10.01 -11.12 -4.74
CA ALA B 133 10.76 -10.24 -3.85
C ALA B 133 10.11 -10.16 -2.48
N THR B 134 8.77 -10.14 -2.43
CA THR B 134 8.07 -10.15 -1.15
C THR B 134 8.34 -11.45 -0.38
N SER B 135 8.39 -12.57 -1.10
CA SER B 135 8.64 -13.85 -0.44
C SER B 135 10.06 -13.93 0.08
N SER B 136 11.04 -13.46 -0.70
CA SER B 136 12.42 -13.42 -0.23
C SER B 136 12.56 -12.51 0.98
N ARG B 137 11.83 -11.39 0.97
CA ARG B 137 11.87 -10.48 2.12
C ARG B 137 11.33 -11.17 3.38
N PHE B 138 10.25 -11.93 3.25
CA PHE B 138 9.74 -12.69 4.38
C PHE B 138 10.74 -13.74 4.84
N ARG B 139 11.46 -14.35 3.91
CA ARG B 139 12.41 -15.40 4.28
C ARG B 139 13.63 -14.81 4.98
N MET B 140 14.12 -13.65 4.54
CA MET B 140 15.23 -13.00 5.21
C MET B 140 14.84 -12.51 6.60
N MET B 141 13.59 -12.06 6.77
CA MET B 141 13.12 -11.62 8.08
C MET B 141 12.77 -12.78 9.00
N ASN B 142 12.76 -14.01 8.49
CA ASN B 142 12.32 -15.19 9.24
C ASN B 142 10.93 -14.95 9.83
N LEU B 143 10.01 -14.52 8.96
CA LEU B 143 8.64 -14.28 9.36
C LEU B 143 8.04 -15.54 9.98
N GLN B 144 7.34 -15.38 11.08
CA GLN B 144 6.73 -16.48 11.79
C GLN B 144 5.26 -16.61 11.42
N GLY B 145 4.73 -17.83 11.55
CA GLY B 145 3.33 -18.06 11.25
C GLY B 145 2.40 -17.21 12.10
N GLU B 146 2.78 -16.99 13.36
CA GLU B 146 1.97 -16.14 14.24
C GLU B 146 2.01 -14.69 13.77
N GLU B 147 3.16 -14.25 13.24
CA GLU B 147 3.22 -12.91 12.66
C GLU B 147 2.48 -12.84 11.33
N PHE B 148 2.49 -13.93 10.56
CA PHE B 148 1.80 -13.96 9.28
C PHE B 148 0.30 -13.83 9.48
N VAL B 149 -0.27 -14.61 10.40
CA VAL B 149 -1.71 -14.56 10.62
C VAL B 149 -2.14 -13.21 11.15
N CYS B 150 -1.26 -12.54 11.92
CA CYS B 150 -1.54 -11.17 12.34
C CYS B 150 -1.55 -10.23 11.13
N LEU B 151 -0.54 -10.34 10.27
CA LEU B 151 -0.46 -9.46 9.10
C LEU B 151 -1.67 -9.67 8.18
N LYS B 152 -2.09 -10.92 8.00
CA LYS B 152 -3.19 -11.19 7.08
C LYS B 152 -4.50 -10.59 7.60
N SER B 153 -4.72 -10.66 8.92
CA SER B 153 -5.92 -10.06 9.49
C SER B 153 -5.88 -8.54 9.40
N ILE B 154 -4.70 -7.93 9.52
CA ILE B 154 -4.57 -6.49 9.40
C ILE B 154 -5.00 -6.03 8.01
N ILE B 155 -4.62 -6.79 6.98
CA ILE B 155 -4.98 -6.44 5.60
C ILE B 155 -6.50 -6.42 5.43
N LEU B 156 -7.18 -7.44 5.95
CA LEU B 156 -8.63 -7.51 5.83
C LEU B 156 -9.30 -6.31 6.48
N LEU B 157 -8.85 -5.93 7.67
CA LEU B 157 -9.49 -4.84 8.42
C LEU B 157 -9.06 -3.47 7.93
N ASN B 158 -7.84 -3.34 7.40
CA ASN B 158 -7.28 -2.03 7.06
C ASN B 158 -7.47 -1.64 5.60
N SER B 159 -7.50 -2.60 4.68
CA SER B 159 -7.44 -2.25 3.26
C SER B 159 -8.67 -1.51 2.76
N GLY B 160 -9.79 -1.59 3.48
CA GLY B 160 -10.99 -0.92 3.03
C GLY B 160 -11.60 -0.02 4.08
N VAL B 161 -10.85 0.27 5.15
CA VAL B 161 -11.38 1.04 6.27
C VAL B 161 -11.63 2.50 5.90
N TYR B 162 -11.22 2.94 4.72
CA TYR B 162 -11.51 4.29 4.24
C TYR B 162 -12.47 4.27 3.08
N THR B 163 -12.09 3.70 1.94
CA THR B 163 -12.94 3.66 0.76
C THR B 163 -14.25 2.94 1.02
N SER B 171 -22.44 9.06 11.02
CA SER B 171 -23.63 8.37 11.47
C SER B 171 -23.29 7.01 12.06
N LEU B 172 -22.44 6.26 11.36
CA LEU B 172 -22.01 4.92 11.77
C LEU B 172 -20.50 4.94 11.97
N GLU B 173 -20.09 5.39 13.16
CA GLU B 173 -18.67 5.45 13.49
C GLU B 173 -18.14 4.07 13.85
N GLU B 174 -18.39 3.08 12.99
CA GLU B 174 -17.86 1.74 13.19
C GLU B 174 -16.45 1.58 12.66
N LYS B 175 -15.94 2.57 11.92
CA LYS B 175 -14.51 2.62 11.66
C LYS B 175 -13.73 2.76 12.96
N ASP B 176 -14.34 3.37 13.98
CA ASP B 176 -13.71 3.47 15.29
C ASP B 176 -13.49 2.10 15.91
N HIS B 177 -14.48 1.20 15.78
CA HIS B 177 -14.34 -0.14 16.33
C HIS B 177 -13.27 -0.93 15.56
N ILE B 178 -13.17 -0.72 14.26
CA ILE B 178 -12.14 -1.39 13.47
C ILE B 178 -10.76 -0.95 13.93
N HIS B 179 -10.58 0.35 14.17
CA HIS B 179 -9.30 0.86 14.63
C HIS B 179 -8.94 0.31 16.01
N ARG B 180 -9.94 -0.02 16.83
CA ARG B 180 -9.67 -0.64 18.12
C ARG B 180 -9.16 -2.07 17.94
N VAL B 181 -9.76 -2.81 17.01
CA VAL B 181 -9.31 -4.18 16.76
C VAL B 181 -7.91 -4.17 16.15
N LEU B 182 -7.65 -3.22 15.23
CA LEU B 182 -6.32 -3.10 14.65
C LEU B 182 -5.27 -2.82 15.72
N ASP B 183 -5.60 -1.96 16.68
CA ASP B 183 -4.68 -1.70 17.79
C ASP B 183 -4.40 -2.97 18.58
N LYS B 184 -5.43 -3.80 18.79
CA LYS B 184 -5.22 -5.04 19.53
C LYS B 184 -4.26 -5.98 18.79
N ILE B 185 -4.32 -5.98 17.45
CA ILE B 185 -3.43 -6.82 16.68
C ILE B 185 -2.01 -6.27 16.72
N THR B 186 -1.85 -4.96 16.76
CA THR B 186 -0.53 -4.37 16.96
C THR B 186 0.05 -4.76 18.31
N ASP B 187 -0.79 -4.73 19.37
CA ASP B 187 -0.36 -5.24 20.66
C ASP B 187 0.06 -6.70 20.55
N THR B 188 -0.64 -7.48 19.73
CA THR B 188 -0.32 -8.89 19.59
C THR B 188 1.01 -9.08 18.87
N LEU B 189 1.28 -8.27 17.84
CA LEU B 189 2.55 -8.37 17.13
C LEU B 189 3.73 -8.03 18.06
N ILE B 190 3.58 -6.98 18.87
CA ILE B 190 4.64 -6.60 19.78
C ILE B 190 4.85 -7.68 20.84
N HIS B 191 3.76 -8.23 21.36
CA HIS B 191 3.85 -9.31 22.35
C HIS B 191 4.64 -10.49 21.82
N LEU B 192 4.44 -10.83 20.54
CA LEU B 192 5.18 -11.94 19.93
C LEU B 192 6.67 -11.63 19.86
N MET B 193 7.02 -10.43 19.42
CA MET B 193 8.42 -10.08 19.20
C MET B 193 9.18 -10.01 20.53
N ALA B 194 8.57 -9.44 21.56
CA ALA B 194 9.17 -9.49 22.89
C ALA B 194 9.33 -10.92 23.36
N LYS B 195 8.35 -11.78 23.07
CA LYS B 195 8.42 -13.17 23.45
C LYS B 195 9.57 -13.89 22.75
N ALA B 196 10.00 -13.37 21.60
CA ALA B 196 11.10 -13.95 20.84
C ALA B 196 12.46 -13.39 21.24
N GLY B 197 12.52 -12.57 22.29
CA GLY B 197 13.77 -12.06 22.79
C GLY B 197 14.23 -10.74 22.20
N LEU B 198 13.46 -10.15 21.30
CA LEU B 198 13.87 -8.89 20.68
C LEU B 198 13.89 -7.77 21.71
N THR B 199 14.88 -6.89 21.61
CA THR B 199 14.90 -5.70 22.43
C THR B 199 13.77 -4.76 22.01
N LEU B 200 13.57 -3.71 22.81
CA LEU B 200 12.51 -2.75 22.54
C LEU B 200 12.72 -2.07 21.19
N GLN B 201 13.95 -1.66 20.89
CA GLN B 201 14.24 -1.05 19.61
C GLN B 201 14.01 -2.02 18.46
N GLN B 202 14.42 -3.28 18.63
CA GLN B 202 14.20 -4.29 17.61
C GLN B 202 12.71 -4.52 17.35
N GLN B 203 11.88 -4.41 18.39
CA GLN B 203 10.45 -4.65 18.23
C GLN B 203 9.81 -3.60 17.34
N HIS B 204 10.05 -2.31 17.64
CA HIS B 204 9.48 -1.25 16.82
C HIS B 204 9.97 -1.33 15.38
N GLN B 205 11.24 -1.69 15.20
CA GLN B 205 11.81 -1.77 13.85
C GLN B 205 11.17 -2.91 13.07
N ARG B 206 11.12 -4.11 13.65
CA ARG B 206 10.52 -5.24 12.96
C ARG B 206 9.04 -4.98 12.65
N LEU B 207 8.33 -4.35 13.60
CA LEU B 207 6.94 -4.00 13.37
C LEU B 207 6.81 -3.07 12.17
N ALA B 208 7.65 -2.04 12.12
CA ALA B 208 7.64 -1.13 10.97
C ALA B 208 8.00 -1.86 9.68
N GLN B 209 9.01 -2.73 9.73
CA GLN B 209 9.39 -3.48 8.54
C GLN B 209 8.24 -4.33 8.02
N LEU B 210 7.47 -4.93 8.92
CA LEU B 210 6.37 -5.80 8.50
C LEU B 210 5.23 -5.00 7.87
N LEU B 211 4.85 -3.89 8.50
CA LEU B 211 3.74 -3.08 7.96
C LEU B 211 4.13 -2.36 6.68
N LEU B 212 5.42 -2.12 6.45
CA LEU B 212 5.83 -1.53 5.17
C LEU B 212 5.68 -2.51 4.03
N ILE B 213 5.81 -3.82 4.30
CA ILE B 213 5.53 -4.83 3.28
C ILE B 213 4.11 -4.69 2.77
N LEU B 214 3.16 -4.43 3.68
CA LEU B 214 1.76 -4.31 3.30
C LEU B 214 1.56 -3.23 2.25
N SER B 215 2.38 -2.17 2.27
CA SER B 215 2.30 -1.16 1.23
C SER B 215 2.58 -1.77 -0.14
N HIS B 216 3.54 -2.68 -0.21
CA HIS B 216 3.89 -3.32 -1.47
C HIS B 216 2.88 -4.39 -1.86
N ILE B 217 2.24 -5.03 -0.89
CA ILE B 217 1.20 -6.00 -1.21
C ILE B 217 -0.03 -5.29 -1.78
N ARG B 218 -0.31 -4.08 -1.29
CA ARG B 218 -1.35 -3.27 -1.92
C ARG B 218 -0.98 -2.93 -3.36
N HIS B 219 0.28 -2.54 -3.58
CA HIS B 219 0.74 -2.23 -4.92
C HIS B 219 0.60 -3.45 -5.85
N MET B 220 0.99 -4.63 -5.35
CA MET B 220 0.87 -5.84 -6.16
C MET B 220 -0.59 -6.17 -6.46
N SER B 221 -1.47 -5.97 -5.48
CA SER B 221 -2.89 -6.23 -5.72
C SER B 221 -3.47 -5.26 -6.75
N ASN B 222 -3.09 -3.98 -6.66
CA ASN B 222 -3.57 -3.01 -7.64
C ASN B 222 -3.14 -3.40 -9.05
N LYS B 223 -1.87 -3.79 -9.22
CA LYS B 223 -1.41 -4.24 -10.53
C LYS B 223 -2.08 -5.55 -10.93
N GLY B 224 -2.17 -6.50 -9.99
CA GLY B 224 -2.79 -7.78 -10.30
C GLY B 224 -4.26 -7.66 -10.67
N MET B 225 -4.94 -6.65 -10.13
CA MET B 225 -6.34 -6.43 -10.50
C MET B 225 -6.47 -5.90 -11.91
N GLU B 226 -5.56 -5.00 -12.32
CA GLU B 226 -5.57 -4.51 -13.68
C GLU B 226 -5.30 -5.62 -14.68
N HIS B 227 -4.41 -6.57 -14.32
CA HIS B 227 -4.14 -7.69 -15.21
C HIS B 227 -5.33 -8.61 -15.33
N LEU B 228 -5.98 -8.89 -14.20
CA LEU B 228 -7.15 -9.76 -14.22
C LEU B 228 -8.27 -9.18 -15.06
N TYR B 229 -8.53 -7.88 -14.92
CA TYR B 229 -9.58 -7.21 -15.67
C TYR B 229 -9.31 -7.27 -17.17
N SER B 230 -8.05 -7.09 -17.58
CA SER B 230 -7.71 -7.20 -18.99
C SER B 230 -7.99 -8.61 -19.52
N MET B 231 -7.75 -9.63 -18.69
CA MET B 231 -8.05 -10.99 -19.10
C MET B 231 -9.54 -11.23 -19.25
N LYS B 232 -10.36 -10.56 -18.43
CA LYS B 232 -11.80 -10.63 -18.61
C LYS B 232 -12.22 -10.01 -19.94
N CYS B 233 -11.67 -8.84 -20.26
CA CYS B 233 -12.03 -8.17 -21.50
C CYS B 233 -11.58 -8.94 -22.73
N LYS B 234 -10.46 -9.68 -22.63
CA LYS B 234 -10.04 -10.53 -23.73
C LYS B 234 -10.84 -11.82 -23.81
N ASN B 235 -11.66 -12.10 -22.79
CA ASN B 235 -12.71 -13.13 -22.85
C ASN B 235 -12.16 -14.48 -23.31
N VAL B 236 -10.93 -14.77 -22.92
CA VAL B 236 -10.28 -16.01 -23.31
C VAL B 236 -10.22 -17.02 -22.17
N VAL B 237 -10.34 -16.61 -20.92
CA VAL B 237 -10.22 -17.49 -19.77
C VAL B 237 -11.53 -17.45 -19.01
N PRO B 238 -12.10 -18.60 -18.62
CA PRO B 238 -13.36 -18.60 -17.87
C PRO B 238 -13.13 -18.17 -16.44
N LEU B 239 -13.75 -17.06 -16.06
CA LEU B 239 -13.69 -16.53 -14.70
C LEU B 239 -15.04 -16.76 -14.02
N SER B 240 -15.01 -17.28 -12.80
CA SER B 240 -16.24 -17.60 -12.09
C SER B 240 -17.06 -16.34 -11.83
N ASP B 241 -18.36 -16.54 -11.58
CA ASP B 241 -19.24 -15.42 -11.31
C ASP B 241 -18.83 -14.67 -10.05
N LEU B 242 -18.35 -15.40 -9.04
CA LEU B 242 -17.84 -14.75 -7.84
C LEU B 242 -16.61 -13.92 -8.16
N LEU B 243 -15.72 -14.43 -9.02
CA LEU B 243 -14.52 -13.69 -9.37
C LEU B 243 -14.86 -12.44 -10.19
N LEU B 244 -15.92 -12.50 -10.99
CA LEU B 244 -16.35 -11.32 -11.74
C LEU B 244 -16.83 -10.22 -10.79
N GLU B 245 -17.66 -10.58 -9.81
CA GLU B 245 -18.21 -9.58 -8.91
C GLU B 245 -17.13 -8.98 -8.02
N MET B 246 -16.16 -9.80 -7.59
CA MET B 246 -15.03 -9.26 -6.84
C MET B 246 -14.19 -8.35 -7.73
N LEU B 247 -13.97 -8.74 -8.98
CA LEU B 247 -13.27 -7.89 -9.93
C LEU B 247 -14.09 -6.65 -10.28
N ASP B 248 -15.41 -6.82 -10.41
CA ASP B 248 -16.28 -5.69 -10.72
C ASP B 248 -16.28 -4.65 -9.60
N ALA B 249 -15.97 -5.07 -8.37
CA ALA B 249 -15.97 -4.16 -7.23
C ALA B 249 -14.78 -3.20 -7.23
N HIS B 250 -13.75 -3.47 -8.03
CA HIS B 250 -12.63 -2.55 -8.16
C HIS B 250 -12.69 -1.69 -9.41
N ARG B 251 -13.31 -2.19 -10.48
CA ARG B 251 -13.57 -1.34 -11.64
C ARG B 251 -14.52 -0.20 -11.27
N LEU B 252 -15.46 -0.48 -10.37
CA LEU B 252 -16.39 0.54 -9.88
C LEU B 252 -15.84 1.19 -8.61
N HIS C 2 15.47 11.34 -23.62
CA HIS C 2 16.17 10.57 -22.60
C HIS C 2 16.13 11.32 -21.26
N LYS C 3 16.15 10.55 -20.17
CA LYS C 3 15.53 10.95 -18.90
C LYS C 3 15.92 12.36 -18.43
N ILE C 4 14.91 13.23 -18.38
CA ILE C 4 15.05 14.52 -17.71
C ILE C 4 15.35 14.32 -16.23
N LEU C 5 14.74 13.30 -15.62
CA LEU C 5 14.98 13.01 -14.21
C LEU C 5 16.44 12.72 -13.93
N HIS C 6 17.16 12.16 -14.92
CA HIS C 6 18.60 12.00 -14.79
C HIS C 6 19.29 13.35 -14.59
N ARG C 7 18.91 14.34 -15.40
CA ARG C 7 19.56 15.65 -15.33
C ARG C 7 19.32 16.32 -13.98
N LEU C 8 18.06 16.34 -13.53
CA LEU C 8 17.73 17.09 -12.32
C LEU C 8 18.39 16.50 -11.09
N LEU C 9 18.67 15.20 -11.09
CA LEU C 9 19.34 14.57 -9.96
C LEU C 9 20.84 14.85 -9.93
N GLN C 10 21.42 15.35 -11.02
CA GLN C 10 22.82 15.72 -11.04
C GLN C 10 23.05 17.22 -10.89
N ASP C 11 22.05 18.04 -11.20
CA ASP C 11 22.15 19.49 -11.01
C ASP C 11 22.07 19.85 -9.53
N LYS D 3 -25.89 -10.71 -5.34
CA LYS D 3 -24.55 -10.46 -4.79
C LYS D 3 -24.03 -11.72 -4.10
N ILE D 4 -23.07 -12.39 -4.74
CA ILE D 4 -22.61 -13.69 -4.26
C ILE D 4 -21.89 -13.54 -2.92
N LEU D 5 -20.97 -12.58 -2.82
CA LEU D 5 -20.23 -12.37 -1.57
C LEU D 5 -21.18 -12.09 -0.42
N HIS D 6 -22.17 -11.23 -0.66
CA HIS D 6 -23.18 -10.95 0.36
C HIS D 6 -23.91 -12.23 0.78
N ARG D 7 -24.21 -13.10 -0.19
CA ARG D 7 -24.92 -14.34 0.10
C ARG D 7 -24.07 -15.27 0.97
N LEU D 8 -22.81 -15.49 0.56
CA LEU D 8 -21.94 -16.41 1.30
C LEU D 8 -21.62 -15.88 2.68
N LEU D 9 -21.37 -14.57 2.78
CA LEU D 9 -21.18 -13.94 4.09
C LEU D 9 -22.43 -14.12 4.96
N GLN D 10 -23.61 -14.05 4.34
CA GLN D 10 -24.86 -14.14 5.09
C GLN D 10 -25.12 -15.54 5.65
N ASP D 11 -24.52 -16.57 5.06
CA ASP D 11 -24.73 -17.95 5.52
C ASP D 11 -24.25 -18.14 6.95
C01 7EE E . -0.25 18.51 -7.07
C02 7EE E . -0.13 18.03 -5.83
C03 7EE E . -0.81 16.91 -5.53
C04 7EE E . -1.59 16.28 -6.44
C05 7EE E . -1.70 16.77 -7.69
C06 7EE E . -1.01 17.89 -7.99
C07 7EE E . -2.31 15.02 -5.99
C08 7EE E . -3.41 14.57 -6.95
C09 7EE E . -2.86 14.61 -8.39
C10 7EE E . -2.56 16.09 -8.74
C11 7EE E . -3.85 14.02 -9.40
C12 7EE E . -3.33 14.07 -10.86
C13 7EE E . -3.06 15.54 -11.20
C14 7EE E . -2.08 16.20 -10.21
O01 7EE E . 0.64 18.65 -4.89
C15 7EE E . -4.32 12.57 -9.24
C16 7EE E . -4.86 12.21 -10.63
C17 7EE E . -4.52 13.39 -11.55
C18 7EE E . -2.05 13.24 -11.10
O02 7EE E . -4.21 12.95 -12.86
C19 7EE E . -5.68 14.30 -11.69
C20 7EE E . -6.63 15.06 -11.78
C01 7EE F . -4.11 -17.89 -6.23
C02 7EE F . -3.47 -17.40 -5.16
C03 7EE F . -2.78 -16.26 -5.32
C04 7EE F . -2.73 -15.61 -6.49
C05 7EE F . -3.39 -16.11 -7.57
C06 7EE F . -4.08 -17.26 -7.41
C07 7EE F . -1.92 -14.34 -6.56
C08 7EE F . -1.63 -13.88 -7.99
C09 7EE F . -2.91 -13.94 -8.83
C10 7EE F . -3.35 -15.42 -8.93
C11 7EE F . -2.72 -13.38 -10.24
C12 7EE F . -3.99 -13.45 -11.14
C13 7EE F . -4.45 -14.92 -11.19
C14 7EE F . -4.63 -15.54 -9.79
O01 7EE F . -3.52 -18.04 -3.95
C15 7EE F . -2.28 -11.93 -10.43
C16 7EE F . -2.59 -11.65 -11.91
C17 7EE F . -3.37 -12.87 -12.43
C18 7EE F . -5.15 -12.56 -10.63
O02 7EE F . -4.37 -12.45 -13.33
C19 7EE F . -2.48 -13.85 -13.09
C20 7EE F . -1.74 -14.66 -13.64
C21 7EE F . -0.95 -15.53 -14.23
C22 7EE F . 0.19 -15.92 -13.64
C26 7EE F . -1.28 -16.05 -15.42
#